data_8P6M
#
_entry.id   8P6M
#
_cell.length_a   43.673
_cell.length_b   39.401
_cell.length_c   72.385
_cell.angle_alpha   90.000
_cell.angle_beta   97.383
_cell.angle_gamma   90.000
#
_symmetry.space_group_name_H-M   'P 1 21 1'
#
loop_
_entity.id
_entity.type
_entity.pdbx_description
1 polymer 'Low molecular weight phosphatase family protein'
2 water water
#
_entity_poly.entity_id   1
_entity_poly.type   'polypeptide(L)'
_entity_poly.pdbx_seq_one_letter_code
;MNTVESRPVSVLFLCTGNTARSQLAQVLLEHHGGGRYAVTSAGLEPGSVNPLTVQVLQESGLPTGHLQAKGVRPLIAEHF
TYVITVCDRAEANCPIFPNATYRLHWPFEDPAAATGSEEERLAVFRHVRDEIDARIQAWVAARV
;
_entity_poly.pdbx_strand_id   A,B
#
# COMPACT_ATOMS: atom_id res chain seq x y z
N PRO A 8 -6.43 24.67 -17.38
CA PRO A 8 -5.26 24.75 -16.51
C PRO A 8 -4.11 23.85 -16.98
N VAL A 9 -2.94 24.02 -16.38
CA VAL A 9 -1.79 23.18 -16.70
C VAL A 9 -1.91 21.88 -15.91
N SER A 10 -1.75 20.75 -16.60
CA SER A 10 -1.90 19.45 -15.96
C SER A 10 -0.54 18.93 -15.50
N VAL A 11 -0.47 18.51 -14.23
CA VAL A 11 0.74 17.96 -13.62
C VAL A 11 0.40 16.60 -13.05
N LEU A 12 1.24 15.61 -13.33
CA LEU A 12 1.15 14.29 -12.71
C LEU A 12 2.44 14.05 -11.92
N PHE A 13 2.31 13.87 -10.60
CA PHE A 13 3.44 13.47 -9.78
C PHE A 13 3.47 11.95 -9.67
N LEU A 14 4.65 11.36 -9.86
CA LEU A 14 4.81 9.92 -9.89
C LEU A 14 5.89 9.48 -8.91
N CYS A 15 5.49 8.64 -7.93
CA CYS A 15 6.49 7.90 -7.15
C CYS A 15 6.20 6.40 -7.21
N THR A 16 6.82 5.61 -6.35
CA THR A 16 6.70 4.16 -6.50
C THR A 16 5.36 3.64 -6.00
N GLY A 17 4.90 4.10 -4.84
CA GLY A 17 3.71 3.53 -4.24
C GLY A 17 2.52 4.48 -4.13
N ASN A 18 2.73 5.76 -4.43
CA ASN A 18 1.72 6.80 -4.25
C ASN A 18 1.31 6.91 -2.79
N THR A 19 2.27 6.72 -1.87
CA THR A 19 1.99 6.80 -0.45
C THR A 19 2.60 8.01 0.26
N ALA A 20 3.62 8.65 -0.33
CA ALA A 20 4.32 9.70 0.39
C ALA A 20 4.76 10.87 -0.50
N ARG A 21 5.89 10.71 -1.18
CA ARG A 21 6.48 11.84 -1.91
C ARG A 21 5.50 12.43 -2.93
N SER A 22 4.88 11.58 -3.74
CA SER A 22 3.98 12.10 -4.77
C SER A 22 2.69 12.67 -4.16
N GLN A 23 2.29 12.16 -2.99
CA GLN A 23 1.15 12.73 -2.27
C GLN A 23 1.49 14.08 -1.67
N LEU A 24 2.67 14.20 -1.06
CA LEU A 24 3.12 15.50 -0.56
C LEU A 24 3.18 16.51 -1.69
N ALA A 25 3.79 16.14 -2.81
CA ALA A 25 3.88 17.05 -3.94
C ALA A 25 2.50 17.45 -4.47
N GLN A 26 1.56 16.50 -4.53
CA GLN A 26 0.23 16.82 -5.03
C GLN A 26 -0.42 17.89 -4.17
N VAL A 27 -0.46 17.67 -2.86
CA VAL A 27 -1.12 18.60 -1.94
C VAL A 27 -0.41 19.95 -1.93
N LEU A 28 0.93 19.94 -2.00
CA LEU A 28 1.67 21.20 -1.94
C LEU A 28 1.49 22.01 -3.23
N LEU A 29 1.37 21.34 -4.38
CA LEU A 29 1.08 22.08 -5.60
C LEU A 29 -0.37 22.57 -5.62
N GLU A 30 -1.30 21.77 -5.09
CA GLU A 30 -2.66 22.25 -4.93
C GLU A 30 -2.69 23.52 -4.10
N HIS A 31 -1.89 23.58 -3.04
CA HIS A 31 -1.87 24.76 -2.19
C HIS A 31 -1.23 25.95 -2.90
N HIS A 32 0.00 25.79 -3.38
CA HIS A 32 0.74 26.94 -3.90
C HIS A 32 0.31 27.33 -5.31
N GLY A 33 -0.21 26.37 -6.10
CA GLY A 33 -0.57 26.67 -7.47
C GLY A 33 -1.98 27.17 -7.62
N GLY A 34 -2.88 26.73 -6.74
CA GLY A 34 -4.26 27.11 -6.83
C GLY A 34 -4.93 26.53 -8.07
N GLY A 35 -5.87 27.29 -8.63
CA GLY A 35 -6.63 26.83 -9.77
C GLY A 35 -5.84 26.77 -11.07
N ARG A 36 -4.59 27.22 -11.08
CA ARG A 36 -3.81 27.23 -12.30
C ARG A 36 -3.44 25.83 -12.77
N TYR A 37 -3.46 24.84 -11.87
CA TYR A 37 -2.95 23.51 -12.16
C TYR A 37 -3.98 22.45 -11.84
N ALA A 38 -4.14 21.49 -12.75
CA ALA A 38 -4.88 20.26 -12.50
C ALA A 38 -3.85 19.20 -12.10
N VAL A 39 -3.88 18.81 -10.83
CA VAL A 39 -2.80 18.03 -10.24
C VAL A 39 -3.29 16.61 -9.94
N THR A 40 -2.49 15.63 -10.34
CA THR A 40 -2.73 14.23 -10.06
C THR A 40 -1.45 13.61 -9.52
N SER A 41 -1.60 12.51 -8.76
CA SER A 41 -0.45 11.74 -8.33
C SER A 41 -0.75 10.26 -8.50
N ALA A 42 0.30 9.47 -8.73
CA ALA A 42 0.09 8.04 -8.95
C ALA A 42 1.40 7.31 -8.70
N GLY A 43 1.30 6.00 -8.51
CA GLY A 43 2.46 5.15 -8.36
C GLY A 43 2.40 3.98 -9.32
N LEU A 44 3.55 3.34 -9.49
CA LEU A 44 3.60 2.15 -10.34
C LEU A 44 2.89 0.98 -9.67
N GLU A 45 3.09 0.82 -8.37
CA GLU A 45 2.43 -0.23 -7.59
C GLU A 45 1.77 0.44 -6.38
N PRO A 46 0.48 0.76 -6.47
CA PRO A 46 -0.15 1.56 -5.41
C PRO A 46 -0.17 0.83 -4.08
N GLY A 47 0.20 1.53 -3.02
CA GLY A 47 0.07 1.01 -1.69
C GLY A 47 -1.09 1.65 -0.95
N SER A 48 -0.78 2.33 0.15
CA SER A 48 -1.77 2.97 0.99
C SER A 48 -1.13 4.24 1.54
N VAL A 49 -1.88 5.33 1.61
CA VAL A 49 -1.31 6.58 2.09
C VAL A 49 -0.74 6.39 3.48
N ASN A 50 0.54 6.76 3.65
CA ASN A 50 1.20 6.58 4.95
C ASN A 50 0.59 7.54 5.95
N PRO A 51 0.24 7.08 7.17
CA PRO A 51 -0.30 8.02 8.17
C PRO A 51 0.62 9.19 8.48
N LEU A 52 1.94 9.00 8.37
CA LEU A 52 2.85 10.11 8.64
C LEU A 52 2.81 11.16 7.54
N THR A 53 2.52 10.74 6.30
CA THR A 53 2.30 11.69 5.21
C THR A 53 1.16 12.62 5.57
N VAL A 54 0.04 12.05 5.98
CA VAL A 54 -1.13 12.82 6.38
C VAL A 54 -0.79 13.73 7.57
N GLN A 55 -0.07 13.18 8.55
CA GLN A 55 0.25 13.96 9.75
C GLN A 55 1.03 15.22 9.39
N VAL A 56 2.08 15.10 8.58
CA VAL A 56 2.92 16.27 8.33
C VAL A 56 2.20 17.27 7.43
N LEU A 57 1.31 16.80 6.54
CA LEU A 57 0.52 17.75 5.76
C LEU A 57 -0.49 18.47 6.64
N GLN A 58 -1.16 17.74 7.54
CA GLN A 58 -2.13 18.35 8.43
C GLN A 58 -1.47 19.32 9.39
N GLU A 59 -0.23 19.03 9.81
CA GLU A 59 0.51 19.96 10.66
C GLU A 59 0.64 21.32 10.00
N SER A 60 0.73 21.34 8.66
CA SER A 60 0.83 22.55 7.88
C SER A 60 -0.52 23.14 7.51
N GLY A 61 -1.61 22.59 8.05
CA GLY A 61 -2.94 23.07 7.72
C GLY A 61 -3.42 22.66 6.35
N LEU A 62 -2.83 21.62 5.76
CA LEU A 62 -3.19 21.23 4.41
C LEU A 62 -4.13 20.03 4.46
N PRO A 63 -5.23 20.08 3.71
CA PRO A 63 -6.24 19.03 3.81
C PRO A 63 -5.79 17.76 3.08
N THR A 64 -6.22 16.63 3.62
CA THR A 64 -5.77 15.33 3.14
C THR A 64 -6.88 14.33 2.98
N GLY A 65 -8.15 14.72 3.16
CA GLY A 65 -9.24 13.78 3.05
C GLY A 65 -9.47 13.25 1.66
N HIS A 66 -8.89 13.90 0.64
CA HIS A 66 -9.06 13.48 -0.75
C HIS A 66 -7.92 12.60 -1.24
N LEU A 67 -6.97 12.25 -0.36
CA LEU A 67 -5.79 11.49 -0.80
C LEU A 67 -6.12 10.00 -0.85
N GLN A 68 -5.68 9.37 -1.93
CA GLN A 68 -5.80 7.93 -2.16
C GLN A 68 -4.55 7.46 -2.87
N ALA A 69 -3.98 6.35 -2.42
CA ALA A 69 -2.89 5.72 -3.18
C ALA A 69 -3.49 5.03 -4.40
N LYS A 70 -3.04 5.42 -5.59
CA LYS A 70 -3.63 4.92 -6.81
C LYS A 70 -2.54 4.51 -7.79
N GLY A 71 -2.85 3.49 -8.60
CA GLY A 71 -1.93 3.05 -9.63
C GLY A 71 -1.94 3.96 -10.85
N VAL A 72 -0.85 3.92 -11.60
CA VAL A 72 -0.74 4.77 -12.79
C VAL A 72 -1.43 4.16 -14.01
N ARG A 73 -1.62 2.85 -14.05
CA ARG A 73 -2.14 2.17 -15.25
C ARG A 73 -3.41 2.80 -15.81
N PRO A 74 -4.44 3.12 -15.02
CA PRO A 74 -5.65 3.73 -15.61
C PRO A 74 -5.39 5.07 -16.25
N LEU A 75 -4.23 5.68 -16.00
CA LEU A 75 -3.86 6.95 -16.60
C LEU A 75 -2.95 6.78 -17.81
N ILE A 76 -2.76 5.55 -18.29
CA ILE A 76 -1.76 5.28 -19.32
C ILE A 76 -2.06 6.03 -20.61
N ALA A 77 -3.34 6.26 -20.93
CA ALA A 77 -3.71 6.95 -22.15
C ALA A 77 -3.81 8.46 -21.99
N GLU A 78 -3.75 8.98 -20.76
CA GLU A 78 -3.86 10.41 -20.53
C GLU A 78 -2.59 11.14 -20.97
N HIS A 79 -2.76 12.43 -21.24
CA HIS A 79 -1.64 13.33 -21.50
C HIS A 79 -1.56 14.37 -20.39
N PHE A 80 -0.35 14.69 -19.98
CA PHE A 80 -0.10 15.72 -18.98
C PHE A 80 0.90 16.72 -19.55
N THR A 81 0.70 18.00 -19.23
CA THR A 81 1.70 18.99 -19.62
C THR A 81 3.04 18.69 -18.97
N TYR A 82 3.02 18.34 -17.68
CA TYR A 82 4.21 17.96 -16.93
C TYR A 82 3.98 16.61 -16.27
N VAL A 83 4.92 15.70 -16.44
CA VAL A 83 5.01 14.50 -15.61
C VAL A 83 6.28 14.66 -14.80
N ILE A 84 6.14 14.80 -13.49
CA ILE A 84 7.25 15.06 -12.58
C ILE A 84 7.45 13.81 -11.75
N THR A 85 8.56 13.11 -11.99
CA THR A 85 8.89 11.93 -11.21
C THR A 85 9.63 12.37 -9.95
N VAL A 86 9.15 11.90 -8.79
CA VAL A 86 9.71 12.30 -7.50
C VAL A 86 10.40 11.13 -6.80
N CYS A 87 10.53 10.00 -7.48
CA CYS A 87 11.27 8.86 -6.96
C CYS A 87 12.46 8.57 -7.85
N ASP A 88 13.58 8.18 -7.23
CA ASP A 88 14.79 7.87 -7.99
C ASP A 88 14.61 6.59 -8.79
N PHE A 97 6.26 7.55 -17.64
CA PHE A 97 4.99 7.83 -18.30
C PHE A 97 5.18 8.13 -19.78
N PRO A 98 4.33 7.54 -20.63
CA PRO A 98 4.59 7.58 -22.08
C PRO A 98 4.26 8.88 -22.79
N ASN A 99 3.25 9.62 -22.33
CA ASN A 99 2.74 10.77 -23.08
C ASN A 99 2.73 12.01 -22.20
N ALA A 100 3.59 12.97 -22.52
CA ALA A 100 3.70 14.21 -21.77
C ALA A 100 4.41 15.24 -22.63
N THR A 101 4.10 16.51 -22.39
CA THR A 101 4.90 17.56 -23.01
C THR A 101 6.28 17.62 -22.39
N TYR A 102 6.34 17.73 -21.07
CA TYR A 102 7.60 17.84 -20.35
C TYR A 102 7.71 16.73 -19.32
N ARG A 103 8.86 16.07 -19.27
CA ARG A 103 9.18 15.08 -18.23
C ARG A 103 10.28 15.65 -17.34
N LEU A 104 9.92 15.93 -16.10
CA LEU A 104 10.86 16.44 -15.11
C LEU A 104 11.15 15.38 -14.07
N HIS A 105 12.35 15.45 -13.48
CA HIS A 105 12.76 14.52 -12.43
C HIS A 105 13.23 15.34 -11.22
N TRP A 106 12.51 15.21 -10.11
CA TRP A 106 12.87 15.84 -8.84
C TRP A 106 13.05 14.70 -7.83
N PRO A 107 14.22 14.10 -7.77
CA PRO A 107 14.44 13.02 -6.78
C PRO A 107 14.44 13.58 -5.36
N PHE A 108 13.65 12.95 -4.50
CA PHE A 108 13.62 13.24 -3.08
C PHE A 108 13.86 11.95 -2.32
N GLU A 109 14.50 12.05 -1.16
CA GLU A 109 14.62 10.91 -0.26
C GLU A 109 13.24 10.35 0.03
N ASP A 110 13.14 9.02 0.06
CA ASP A 110 11.90 8.37 0.44
C ASP A 110 11.74 8.47 1.96
N PRO A 111 10.81 9.28 2.45
CA PRO A 111 10.65 9.39 3.91
C PRO A 111 10.13 8.11 4.52
N ALA A 112 9.39 7.31 3.74
CA ALA A 112 8.82 6.06 4.22
C ALA A 112 9.88 4.98 4.41
N ALA A 113 11.08 5.17 3.86
CA ALA A 113 12.16 4.22 4.08
C ALA A 113 12.95 4.52 5.34
N ALA A 114 12.70 5.67 5.98
CA ALA A 114 13.36 5.99 7.24
C ALA A 114 12.86 5.08 8.36
N THR A 115 13.77 4.65 9.22
CA THR A 115 13.39 3.82 10.35
C THR A 115 13.61 4.59 11.65
N GLY A 116 13.01 4.06 12.71
CA GLY A 116 13.05 4.66 14.02
C GLY A 116 11.66 4.81 14.58
N SER A 117 11.58 5.47 15.73
CA SER A 117 10.28 5.69 16.36
C SER A 117 9.42 6.58 15.46
N GLU A 118 8.12 6.64 15.78
CA GLU A 118 7.24 7.51 15.00
C GLU A 118 7.75 8.94 14.99
N GLU A 119 8.27 9.42 16.12
CA GLU A 119 8.79 10.79 16.17
C GLU A 119 10.02 10.96 15.29
N GLU A 120 10.93 9.99 15.30
CA GLU A 120 12.11 10.09 14.44
C GLU A 120 11.72 10.05 12.98
N ARG A 121 10.78 9.17 12.63
CA ARG A 121 10.33 9.09 11.25
C ARG A 121 9.55 10.34 10.85
N LEU A 122 8.72 10.87 11.75
CA LEU A 122 8.03 12.11 11.43
C LEU A 122 9.01 13.23 11.10
N ALA A 123 10.15 13.26 11.79
CA ALA A 123 11.14 14.30 11.49
C ALA A 123 11.62 14.21 10.05
N VAL A 124 11.83 12.98 9.54
CA VAL A 124 12.21 12.82 8.15
C VAL A 124 11.07 13.22 7.22
N PHE A 125 9.84 12.81 7.56
CA PHE A 125 8.68 13.22 6.77
C PHE A 125 8.58 14.74 6.70
N ARG A 126 8.82 15.43 7.82
CA ARG A 126 8.78 16.89 7.82
C ARG A 126 9.89 17.49 6.96
N HIS A 127 11.10 16.92 7.03
CA HIS A 127 12.22 17.42 6.23
C HIS A 127 11.92 17.32 4.74
N VAL A 128 11.36 16.18 4.31
CA VAL A 128 11.03 15.98 2.90
C VAL A 128 9.86 16.85 2.49
N ARG A 129 8.82 16.94 3.34
CA ARG A 129 7.73 17.87 3.08
C ARG A 129 8.26 19.27 2.82
N ASP A 130 9.15 19.75 3.70
CA ASP A 130 9.65 21.12 3.56
C ASP A 130 10.48 21.28 2.30
N GLU A 131 11.23 20.24 1.91
CA GLU A 131 12.02 20.31 0.68
C GLU A 131 11.12 20.33 -0.54
N ILE A 132 10.12 19.44 -0.59
CA ILE A 132 9.18 19.43 -1.71
C ILE A 132 8.40 20.76 -1.75
N ASP A 133 8.00 21.26 -0.57
CA ASP A 133 7.33 22.56 -0.51
C ASP A 133 8.20 23.66 -1.13
N ALA A 134 9.50 23.66 -0.83
CA ALA A 134 10.39 24.68 -1.37
C ALA A 134 10.49 24.57 -2.90
N ARG A 135 10.69 23.36 -3.41
CA ARG A 135 10.80 23.18 -4.86
C ARG A 135 9.52 23.62 -5.58
N ILE A 136 8.36 23.27 -5.03
CA ILE A 136 7.11 23.62 -5.68
C ILE A 136 6.89 25.13 -5.66
N GLN A 137 7.19 25.79 -4.53
CA GLN A 137 7.09 27.24 -4.47
C GLN A 137 7.95 27.90 -5.54
N ALA A 138 9.18 27.43 -5.72
CA ALA A 138 10.07 28.02 -6.72
C ALA A 138 9.58 27.72 -8.13
N TRP A 139 9.01 26.52 -8.33
CA TRP A 139 8.56 26.13 -9.66
C TRP A 139 7.34 26.93 -10.09
N VAL A 140 6.38 27.12 -9.19
CA VAL A 140 5.20 27.94 -9.51
C VAL A 140 5.62 29.37 -9.78
N ALA A 141 6.56 29.89 -9.00
CA ALA A 141 6.99 31.27 -9.17
C ALA A 141 7.74 31.48 -10.47
N ALA A 142 8.52 30.48 -10.92
CA ALA A 142 9.28 30.60 -12.16
C ALA A 142 8.41 30.42 -13.39
N ARG A 143 7.10 30.32 -13.22
CA ARG A 143 6.16 30.21 -14.33
C ARG A 143 5.18 31.37 -14.41
N VAL A 144 5.26 32.32 -13.46
CA VAL A 144 4.38 33.49 -13.44
C VAL A 144 2.91 33.08 -13.42
N PRO B 8 2.80 -31.96 1.04
CA PRO B 8 2.23 -31.01 2.01
C PRO B 8 0.87 -30.47 1.56
N VAL B 9 0.00 -30.19 2.52
CA VAL B 9 -1.31 -29.61 2.20
C VAL B 9 -1.10 -28.20 1.67
N SER B 10 -1.73 -27.90 0.53
CA SER B 10 -1.52 -26.63 -0.15
C SER B 10 -2.68 -25.69 0.15
N VAL B 11 -2.35 -24.44 0.49
CA VAL B 11 -3.34 -23.44 0.85
C VAL B 11 -3.02 -22.16 0.10
N LEU B 12 -4.04 -21.56 -0.51
CA LEU B 12 -3.97 -20.22 -1.09
C LEU B 12 -4.89 -19.30 -0.30
N PHE B 13 -4.34 -18.23 0.25
CA PHE B 13 -5.13 -17.19 0.87
C PHE B 13 -5.35 -16.06 -0.13
N LEU B 14 -6.59 -15.60 -0.26
CA LEU B 14 -6.94 -14.67 -1.32
C LEU B 14 -7.71 -13.48 -0.77
N CYS B 15 -7.17 -12.28 -0.99
N CYS B 15 -7.23 -12.28 -1.07
CA CYS B 15 -7.91 -11.04 -0.72
CA CYS B 15 -7.97 -11.06 -0.76
C CYS B 15 -7.86 -10.15 -1.96
C CYS B 15 -8.01 -10.19 -2.01
N THR B 16 -8.33 -8.91 -1.84
CA THR B 16 -8.42 -8.03 -3.01
C THR B 16 -7.04 -7.55 -3.48
N GLY B 17 -6.20 -7.10 -2.56
CA GLY B 17 -4.92 -6.52 -2.95
C GLY B 17 -3.66 -7.30 -2.64
N ASN B 18 -3.76 -8.33 -1.81
CA ASN B 18 -2.59 -9.07 -1.33
C ASN B 18 -1.63 -8.17 -0.54
N THR B 19 -2.18 -7.21 0.20
CA THR B 19 -1.38 -6.26 0.95
C THR B 19 -1.46 -6.45 2.46
N ALA B 20 -2.51 -7.11 2.97
CA ALA B 20 -2.72 -7.17 4.41
C ALA B 20 -3.32 -8.50 4.85
N ARG B 21 -4.64 -8.67 4.72
CA ARG B 21 -5.29 -9.85 5.32
C ARG B 21 -4.70 -11.16 4.79
N SER B 22 -4.50 -11.27 3.48
CA SER B 22 -3.97 -12.53 2.94
C SER B 22 -2.48 -12.72 3.29
N GLN B 23 -1.72 -11.64 3.49
CA GLN B 23 -0.34 -11.77 3.92
C GLN B 23 -0.25 -12.17 5.38
N LEU B 24 -1.08 -11.54 6.23
CA LEU B 24 -1.23 -11.97 7.63
C LEU B 24 -1.47 -13.46 7.71
N ALA B 25 -2.48 -13.95 6.96
CA ALA B 25 -2.85 -15.35 7.08
C ALA B 25 -1.74 -16.27 6.59
N GLN B 26 -1.05 -15.87 5.50
CA GLN B 26 0.05 -16.69 4.99
C GLN B 26 1.13 -16.88 6.05
N VAL B 27 1.60 -15.77 6.64
CA VAL B 27 2.68 -15.81 7.61
C VAL B 27 2.24 -16.56 8.86
N LEU B 28 0.98 -16.38 9.27
CA LEU B 28 0.51 -17.04 10.48
C LEU B 28 0.34 -18.54 10.25
N LEU B 29 -0.07 -18.97 9.05
CA LEU B 29 -0.14 -20.41 8.80
C LEU B 29 1.25 -21.01 8.63
N GLU B 30 2.18 -20.26 8.04
CA GLU B 30 3.56 -20.70 8.00
C GLU B 30 4.08 -20.97 9.41
N HIS B 31 3.74 -20.10 10.35
CA HIS B 31 4.21 -20.23 11.72
C HIS B 31 3.55 -21.40 12.43
N HIS B 32 2.22 -21.43 12.44
CA HIS B 32 1.47 -22.43 13.20
C HIS B 32 1.34 -23.76 12.48
N GLY B 33 1.55 -23.78 11.18
CA GLY B 33 1.40 -25.01 10.42
C GLY B 33 2.68 -25.78 10.25
N GLY B 34 3.81 -25.09 10.38
CA GLY B 34 5.10 -25.70 10.13
C GLY B 34 5.23 -26.10 8.66
N GLY B 35 6.08 -27.09 8.42
CA GLY B 35 6.28 -27.60 7.09
C GLY B 35 5.21 -28.53 6.58
N ARG B 36 4.09 -28.65 7.29
CA ARG B 36 2.99 -29.47 6.79
C ARG B 36 2.15 -28.76 5.75
N TYR B 37 2.29 -27.44 5.60
CA TYR B 37 1.51 -26.68 4.65
C TYR B 37 2.41 -25.97 3.66
N ALA B 38 2.02 -26.01 2.39
CA ALA B 38 2.59 -25.14 1.36
C ALA B 38 1.64 -23.96 1.23
N VAL B 39 2.05 -22.79 1.74
CA VAL B 39 1.16 -21.64 1.88
C VAL B 39 1.53 -20.60 0.84
N THR B 40 0.50 -20.08 0.16
CA THR B 40 0.63 -19.02 -0.83
C THR B 40 -0.43 -17.98 -0.53
N SER B 41 -0.17 -16.73 -0.91
CA SER B 41 -1.21 -15.72 -0.88
C SER B 41 -1.17 -14.92 -2.17
N ALA B 42 -2.32 -14.35 -2.53
CA ALA B 42 -2.44 -13.57 -3.76
C ALA B 42 -3.68 -12.69 -3.68
N GLY B 43 -3.72 -11.72 -4.58
CA GLY B 43 -4.85 -10.82 -4.67
C GLY B 43 -5.35 -10.72 -6.10
N LEU B 44 -6.62 -10.31 -6.22
CA LEU B 44 -7.21 -10.16 -7.55
C LEU B 44 -6.60 -8.98 -8.29
N GLU B 45 -6.33 -7.89 -7.59
CA GLU B 45 -5.71 -6.70 -8.15
C GLU B 45 -4.58 -6.31 -7.21
N PRO B 46 -3.38 -6.85 -7.43
CA PRO B 46 -2.31 -6.70 -6.42
C PRO B 46 -1.86 -5.25 -6.27
N GLY B 47 -1.56 -4.89 -5.03
CA GLY B 47 -0.97 -3.60 -4.73
C GLY B 47 0.47 -3.72 -4.28
N SER B 48 0.74 -3.24 -3.07
CA SER B 48 2.06 -3.35 -2.45
C SER B 48 1.84 -3.69 -0.99
N VAL B 49 2.77 -4.47 -0.41
CA VAL B 49 2.60 -4.90 0.97
C VAL B 49 2.54 -3.69 1.88
N ASN B 50 1.52 -3.65 2.73
CA ASN B 50 1.34 -2.53 3.63
C ASN B 50 2.40 -2.59 4.73
N PRO B 51 3.14 -1.50 4.97
CA PRO B 51 4.13 -1.52 6.05
C PRO B 51 3.55 -1.84 7.42
N LEU B 52 2.26 -1.53 7.64
CA LEU B 52 1.66 -1.87 8.92
C LEU B 52 1.42 -3.38 9.05
N THR B 53 1.15 -4.05 7.94
CA THR B 53 1.10 -5.52 7.94
C THR B 53 2.42 -6.09 8.43
N VAL B 54 3.52 -5.59 7.87
CA VAL B 54 4.86 -6.03 8.25
C VAL B 54 5.11 -5.79 9.73
N GLN B 55 4.82 -4.56 10.19
CA GLN B 55 5.09 -4.20 11.57
C GLN B 55 4.41 -5.16 12.54
N VAL B 56 3.12 -5.43 12.35
CA VAL B 56 2.39 -6.22 13.35
C VAL B 56 2.81 -7.68 13.30
N LEU B 57 3.18 -8.20 12.13
CA LEU B 57 3.75 -9.54 12.07
C LEU B 57 5.09 -9.58 12.78
N GLN B 58 5.93 -8.56 12.56
CA GLN B 58 7.24 -8.52 13.20
C GLN B 58 7.15 -8.36 14.70
N GLU B 59 6.13 -7.63 15.19
CA GLU B 59 5.91 -7.53 16.63
C GLU B 59 5.70 -8.91 17.24
N SER B 60 5.21 -9.85 16.45
CA SER B 60 4.99 -11.21 16.92
C SER B 60 6.20 -12.09 16.68
N GLY B 61 7.31 -11.53 16.23
CA GLY B 61 8.50 -12.32 15.97
C GLY B 61 8.44 -13.12 14.68
N LEU B 62 7.58 -12.74 13.75
CA LEU B 62 7.37 -13.49 12.52
C LEU B 62 8.07 -12.81 11.35
N PRO B 63 8.91 -13.53 10.61
CA PRO B 63 9.69 -12.89 9.55
C PRO B 63 8.83 -12.51 8.35
N THR B 64 9.20 -11.38 7.73
CA THR B 64 8.41 -10.80 6.64
C THR B 64 9.22 -10.49 5.40
N GLY B 65 10.53 -10.77 5.38
CA GLY B 65 11.36 -10.43 4.24
C GLY B 65 10.96 -11.13 2.96
N HIS B 66 10.18 -12.21 3.04
CA HIS B 66 9.79 -13.00 1.89
C HIS B 66 8.45 -12.57 1.31
N LEU B 67 7.86 -11.51 1.83
CA LEU B 67 6.52 -11.12 1.42
C LEU B 67 6.56 -10.24 0.19
N GLN B 68 5.69 -10.55 -0.77
CA GLN B 68 5.50 -9.75 -1.97
C GLN B 68 4.02 -9.74 -2.30
N ALA B 69 3.52 -8.58 -2.72
CA ALA B 69 2.17 -8.52 -3.28
C ALA B 69 2.19 -9.07 -4.70
N LYS B 70 1.27 -9.98 -4.99
CA LYS B 70 1.26 -10.69 -6.26
C LYS B 70 -0.19 -10.93 -6.71
N GLY B 71 -0.38 -10.94 -8.03
CA GLY B 71 -1.67 -11.23 -8.59
C GLY B 71 -1.97 -12.71 -8.64
N VAL B 72 -3.26 -13.03 -8.66
CA VAL B 72 -3.68 -14.42 -8.57
C VAL B 72 -3.69 -15.14 -9.93
N ARG B 73 -3.62 -14.40 -11.04
CA ARG B 73 -3.83 -15.03 -12.34
C ARG B 73 -2.89 -16.19 -12.65
N PRO B 74 -1.59 -16.14 -12.35
CA PRO B 74 -0.73 -17.31 -12.65
C PRO B 74 -1.04 -18.55 -11.84
N LEU B 75 -1.92 -18.46 -10.83
CA LEU B 75 -2.16 -19.53 -9.88
C LEU B 75 -3.48 -20.26 -10.12
N ILE B 76 -4.25 -19.85 -11.13
CA ILE B 76 -5.66 -20.25 -11.20
C ILE B 76 -5.78 -21.75 -11.47
N ALA B 77 -4.93 -22.29 -12.34
CA ALA B 77 -4.98 -23.72 -12.68
C ALA B 77 -4.21 -24.60 -11.69
N GLU B 78 -3.71 -24.04 -10.59
CA GLU B 78 -2.92 -24.81 -9.65
C GLU B 78 -3.82 -25.68 -8.76
N HIS B 79 -3.26 -26.80 -8.31
CA HIS B 79 -3.92 -27.64 -7.31
C HIS B 79 -3.69 -27.03 -5.94
N PHE B 80 -4.77 -26.62 -5.28
CA PHE B 80 -4.73 -26.20 -3.89
C PHE B 80 -5.71 -27.06 -3.11
N THR B 81 -5.27 -27.64 -2.00
CA THR B 81 -6.20 -28.33 -1.12
C THR B 81 -7.28 -27.37 -0.65
N TYR B 82 -6.88 -26.15 -0.28
CA TYR B 82 -7.80 -25.12 0.22
C TYR B 82 -7.51 -23.81 -0.48
N VAL B 83 -8.55 -23.18 -1.00
CA VAL B 83 -8.49 -21.78 -1.41
C VAL B 83 -9.37 -21.01 -0.45
N ILE B 84 -8.76 -20.15 0.36
CA ILE B 84 -9.41 -19.50 1.48
C ILE B 84 -9.43 -18.01 1.20
N THR B 85 -10.63 -17.48 0.92
CA THR B 85 -10.80 -16.05 0.73
C THR B 85 -10.96 -15.39 2.10
N VAL B 86 -10.21 -14.33 2.35
CA VAL B 86 -10.28 -13.61 3.62
C VAL B 86 -10.85 -12.21 3.43
N CYS B 87 -11.41 -11.92 2.26
N CYS B 87 -11.41 -11.92 2.26
CA CYS B 87 -12.07 -10.65 1.97
CA CYS B 87 -12.07 -10.66 1.96
C CYS B 87 -13.52 -10.92 1.62
C CYS B 87 -13.52 -10.91 1.61
N ASP B 88 -14.37 -9.93 1.90
CA ASP B 88 -15.79 -10.04 1.62
C ASP B 88 -16.08 -10.04 0.11
N CYS B 94 -13.95 -13.60 -7.17
CA CYS B 94 -13.06 -14.72 -6.91
C CYS B 94 -12.98 -15.65 -8.13
N PRO B 95 -11.75 -15.94 -8.58
CA PRO B 95 -11.58 -16.83 -9.72
C PRO B 95 -12.10 -18.23 -9.41
N ILE B 96 -12.38 -18.97 -10.48
CA ILE B 96 -12.73 -20.37 -10.38
C ILE B 96 -11.43 -21.17 -10.37
N PHE B 97 -11.25 -21.98 -9.32
CA PHE B 97 -10.07 -22.83 -9.18
C PHE B 97 -10.48 -24.28 -9.42
N PRO B 98 -10.37 -24.78 -10.66
CA PRO B 98 -10.88 -26.14 -10.95
C PRO B 98 -10.19 -27.21 -10.14
N ASN B 99 -8.92 -27.01 -9.78
CA ASN B 99 -8.15 -28.01 -9.06
C ASN B 99 -8.06 -27.72 -7.57
N ALA B 100 -8.84 -26.78 -7.07
CA ALA B 100 -8.98 -26.59 -5.63
C ALA B 100 -9.97 -27.60 -5.07
N THR B 101 -9.55 -28.29 -4.01
CA THR B 101 -10.44 -29.27 -3.38
C THR B 101 -11.56 -28.57 -2.62
N TYR B 102 -11.19 -27.64 -1.73
CA TYR B 102 -12.12 -26.94 -0.87
C TYR B 102 -12.00 -25.44 -1.06
N ARG B 103 -13.14 -24.75 -0.97
CA ARG B 103 -13.20 -23.30 -0.96
C ARG B 103 -13.80 -22.85 0.36
N LEU B 104 -12.99 -22.20 1.19
CA LEU B 104 -13.44 -21.66 2.47
C LEU B 104 -13.49 -20.14 2.39
N HIS B 105 -14.37 -19.54 3.20
CA HIS B 105 -14.48 -18.10 3.29
C HIS B 105 -14.37 -17.67 4.76
N TRP B 106 -13.30 -16.93 5.08
CA TRP B 106 -13.07 -16.36 6.40
C TRP B 106 -13.01 -14.86 6.23
N PRO B 107 -14.16 -14.18 6.22
CA PRO B 107 -14.13 -12.71 6.11
C PRO B 107 -13.53 -12.08 7.36
N PHE B 108 -12.64 -11.11 7.14
CA PHE B 108 -12.07 -10.30 8.21
C PHE B 108 -12.21 -8.83 7.82
N GLU B 109 -12.35 -7.97 8.84
CA GLU B 109 -12.32 -6.53 8.60
C GLU B 109 -11.02 -6.13 7.92
N ASP B 110 -11.12 -5.25 6.93
CA ASP B 110 -9.94 -4.75 6.23
C ASP B 110 -9.19 -3.75 7.11
N PRO B 111 -8.00 -4.11 7.61
CA PRO B 111 -7.23 -3.15 8.41
C PRO B 111 -6.71 -1.98 7.60
N ALA B 112 -6.54 -2.14 6.28
CA ALA B 112 -6.04 -1.04 5.47
C ALA B 112 -7.08 0.03 5.21
N ALA B 113 -8.34 -0.23 5.54
CA ALA B 113 -9.39 0.79 5.43
C ALA B 113 -9.42 1.72 6.63
N ALA B 114 -8.69 1.39 7.70
CA ALA B 114 -8.67 2.23 8.88
C ALA B 114 -7.94 3.54 8.61
N THR B 115 -8.50 4.64 9.10
CA THR B 115 -7.88 5.95 9.02
C THR B 115 -7.35 6.34 10.41
N GLY B 116 -6.81 7.55 10.50
CA GLY B 116 -6.27 8.04 11.74
C GLY B 116 -4.75 7.95 11.77
N SER B 117 -4.22 8.23 12.96
CA SER B 117 -2.79 8.22 13.20
C SER B 117 -2.22 6.81 13.02
N GLU B 118 -0.89 6.73 12.98
CA GLU B 118 -0.25 5.42 12.86
C GLU B 118 -0.65 4.51 14.02
N GLU B 119 -0.69 5.04 15.25
CA GLU B 119 -1.08 4.22 16.40
C GLU B 119 -2.51 3.69 16.23
N GLU B 120 -3.41 4.54 15.77
CA GLU B 120 -4.81 4.11 15.62
C GLU B 120 -4.92 3.04 14.55
N ARG B 121 -4.20 3.20 13.43
CA ARG B 121 -4.23 2.18 12.39
C ARG B 121 -3.59 0.89 12.86
N LEU B 122 -2.45 0.99 13.55
CA LEU B 122 -1.78 -0.20 14.07
C LEU B 122 -2.67 -0.97 15.03
N ALA B 123 -3.54 -0.29 15.79
CA ALA B 123 -4.47 -0.99 16.67
C ALA B 123 -5.40 -1.90 15.87
N VAL B 124 -5.90 -1.43 14.73
CA VAL B 124 -6.78 -2.26 13.91
C VAL B 124 -5.99 -3.42 13.31
N PHE B 125 -4.79 -3.14 12.80
CA PHE B 125 -3.95 -4.19 12.21
C PHE B 125 -3.65 -5.27 13.24
N ARG B 126 -3.40 -4.88 14.50
CA ARG B 126 -3.13 -5.88 15.53
C ARG B 126 -4.37 -6.69 15.88
N HIS B 127 -5.54 -6.03 16.00
CA HIS B 127 -6.77 -6.75 16.24
C HIS B 127 -7.04 -7.79 15.15
N VAL B 128 -6.87 -7.39 13.90
CA VAL B 128 -7.10 -8.31 12.79
C VAL B 128 -6.05 -9.42 12.77
N ARG B 129 -4.77 -9.07 12.96
CA ARG B 129 -3.74 -10.09 13.14
C ARG B 129 -4.13 -11.09 14.21
N ASP B 130 -4.58 -10.61 15.37
CA ASP B 130 -4.89 -11.50 16.47
C ASP B 130 -6.05 -12.42 16.13
N GLU B 131 -7.03 -11.93 15.36
CA GLU B 131 -8.18 -12.75 15.01
C GLU B 131 -7.80 -13.83 14.01
N ILE B 132 -7.06 -13.45 12.96
CA ILE B 132 -6.57 -14.43 11.98
C ILE B 132 -5.70 -15.48 12.67
N ASP B 133 -4.81 -15.02 13.57
CA ASP B 133 -3.97 -15.93 14.34
C ASP B 133 -4.79 -16.96 15.10
N ALA B 134 -5.87 -16.51 15.73
CA ALA B 134 -6.74 -17.43 16.44
C ALA B 134 -7.43 -18.41 15.49
N ARG B 135 -7.98 -17.90 14.38
CA ARG B 135 -8.66 -18.76 13.43
C ARG B 135 -7.71 -19.82 12.86
N ILE B 136 -6.48 -19.43 12.55
CA ILE B 136 -5.55 -20.38 11.94
C ILE B 136 -5.16 -21.47 12.94
N GLN B 137 -4.92 -21.10 14.20
CA GLN B 137 -4.58 -22.10 15.21
C GLN B 137 -5.71 -23.10 15.37
N ALA B 138 -6.95 -22.61 15.44
CA ALA B 138 -8.10 -23.49 15.57
C ALA B 138 -8.26 -24.39 14.35
N TRP B 139 -8.06 -23.82 13.16
CA TRP B 139 -8.20 -24.57 11.92
C TRP B 139 -7.12 -25.64 11.79
N VAL B 140 -5.89 -25.33 12.18
CA VAL B 140 -4.83 -26.32 12.11
C VAL B 140 -5.18 -27.54 12.97
N ALA B 141 -5.76 -27.30 14.15
CA ALA B 141 -6.11 -28.39 15.07
C ALA B 141 -7.32 -29.20 14.63
N ALA B 142 -8.12 -28.67 13.71
CA ALA B 142 -9.40 -29.28 13.34
C ALA B 142 -9.21 -30.69 12.78
N ARG B 143 -10.28 -31.48 12.88
CA ARG B 143 -10.25 -32.92 12.64
C ARG B 143 -9.23 -33.56 13.57
#